data_4MYN
#
_entry.id   4MYN
#
_cell.length_a   129.431
_cell.length_b   129.431
_cell.length_c   42.522
_cell.angle_alpha   90.00
_cell.angle_beta   90.00
_cell.angle_gamma   120.00
#
_symmetry.space_group_name_H-M   'H 3'
#
loop_
_entity.id
_entity.type
_entity.pdbx_description
1 polymer Formiminoglutamase
2 non-polymer 'MANGANESE (II) ION'
3 water water
#
_entity_poly.entity_id   1
_entity_poly.type   'polypeptide(L)'
_entity_poly.pdbx_seq_one_letter_code
;MAHHHHHHMAARTDDPRLLSLFSAQREEDADIVIIGFPYDEGCVRNGGRAGAKKGPAAFRFFLQRLGSVNNLELNVDASH
LKLYDAGDITASTLEEAHEKLESKVFTVLARGAFPFVIGGGHDQSAPNGRAMLRAFPGDVGVINVDSHLDVRPPLSDGRV
HSGTPFRQLLEESSFSGKRFVEFACQGSQCGALHAQYVRDHQGHLMWLSEVRKKGAVAALEDAFGLTGKNTFFSFDVDSL
KSSDMPGVSCPAAVGLSAQEAFDMCFLAGKTPTVMMMDMSELNPLVEEYRSPRVAVYMFYHFVLGFATRPKPKAEN
;
_entity_poly.pdbx_strand_id   A
#
loop_
_chem_comp.id
_chem_comp.type
_chem_comp.name
_chem_comp.formula
MN non-polymer 'MANGANESE (II) ION' 'Mn 2'
#
# COMPACT_ATOMS: atom_id res chain seq x y z
N THR A 13 20.93 21.15 1.88
CA THR A 13 22.07 21.83 2.50
C THR A 13 22.64 21.00 3.65
N ASP A 14 22.59 21.55 4.86
CA ASP A 14 23.06 20.84 6.05
C ASP A 14 21.95 20.03 6.73
N ASP A 15 21.06 19.47 5.91
CA ASP A 15 19.91 18.73 6.43
C ASP A 15 19.34 17.80 5.34
N PRO A 16 20.07 16.70 5.04
CA PRO A 16 19.73 15.80 3.95
C PRO A 16 18.46 14.99 4.24
N ARG A 17 17.58 14.91 3.26
CA ARG A 17 16.28 14.25 3.42
C ARG A 17 16.04 13.25 2.28
N LEU A 18 14.85 12.66 2.20
CA LEU A 18 14.58 11.64 1.18
C LEU A 18 15.07 11.98 -0.23
N LEU A 19 14.90 13.24 -0.63
CA LEU A 19 15.26 13.63 -1.98
C LEU A 19 16.69 13.20 -2.28
N SER A 20 17.55 13.34 -1.28
CA SER A 20 18.98 13.03 -1.41
C SER A 20 19.28 11.57 -1.73
N LEU A 21 18.34 10.67 -1.44
CA LEU A 21 18.59 9.26 -1.69
C LEU A 21 18.37 8.91 -3.16
N PHE A 22 17.91 9.88 -3.94
CA PHE A 22 17.64 9.63 -5.36
C PHE A 22 18.91 9.87 -6.17
N SER A 23 19.92 9.06 -5.86
CA SER A 23 21.25 9.21 -6.45
C SER A 23 21.43 8.29 -7.64
N ALA A 24 20.69 7.18 -7.65
CA ALA A 24 20.81 6.16 -8.68
C ALA A 24 20.48 6.68 -10.08
N GLN A 25 21.50 7.07 -10.82
CA GLN A 25 21.29 7.54 -12.18
C GLN A 25 20.63 6.46 -13.05
N ARG A 26 20.63 5.22 -12.59
CA ARG A 26 19.95 4.14 -13.30
C ARG A 26 19.03 3.34 -12.39
N GLU A 27 17.86 3.00 -12.89
CA GLU A 27 16.85 2.34 -12.08
C GLU A 27 17.37 1.06 -11.47
N GLU A 28 18.08 0.26 -12.29
CA GLU A 28 18.49 -1.05 -11.81
C GLU A 28 19.47 -0.96 -10.64
N ASP A 29 20.00 0.25 -10.42
CA ASP A 29 20.91 0.49 -9.30
C ASP A 29 20.23 0.81 -7.96
N ALA A 30 18.92 1.00 -7.99
CA ALA A 30 18.17 1.38 -6.78
C ALA A 30 17.66 0.19 -5.98
N ASP A 31 17.70 0.33 -4.66
CA ASP A 31 17.09 -0.63 -3.76
C ASP A 31 15.57 -0.56 -3.80
N ILE A 32 15.05 0.65 -3.98
CA ILE A 32 13.61 0.87 -3.94
C ILE A 32 13.20 1.68 -5.15
N VAL A 33 12.18 1.20 -5.86
CA VAL A 33 11.67 1.90 -7.02
C VAL A 33 10.23 2.38 -6.80
N ILE A 34 10.02 3.68 -6.90
CA ILE A 34 8.70 4.27 -6.77
C ILE A 34 8.03 4.29 -8.14
N ILE A 35 6.81 3.76 -8.20
CA ILE A 35 6.02 3.78 -9.41
C ILE A 35 4.70 4.49 -9.11
N GLY A 36 4.30 5.42 -9.96
CA GLY A 36 3.05 6.13 -9.75
C GLY A 36 1.91 5.54 -10.55
N PHE A 37 0.71 5.52 -9.95
CA PHE A 37 -0.46 5.02 -10.63
C PHE A 37 -1.56 6.06 -10.49
N PRO A 38 -1.58 7.05 -11.39
CA PRO A 38 -2.49 8.21 -11.30
C PRO A 38 -3.86 7.94 -11.92
N TYR A 39 -4.60 7.00 -11.33
CA TYR A 39 -5.95 6.69 -11.79
C TYR A 39 -6.93 6.61 -10.62
N ASP A 40 -8.11 7.18 -10.80
CA ASP A 40 -9.16 7.05 -9.79
C ASP A 40 -10.48 6.53 -10.38
N GLU A 41 -10.44 6.04 -11.61
CA GLU A 41 -11.64 5.49 -12.23
C GLU A 41 -12.22 4.31 -11.43
N GLY A 42 -11.33 3.47 -10.93
CA GLY A 42 -11.74 2.41 -10.02
C GLY A 42 -12.57 2.96 -8.87
N CYS A 43 -12.10 4.05 -8.26
CA CYS A 43 -12.82 4.71 -7.16
C CYS A 43 -14.24 5.14 -7.56
N VAL A 44 -14.32 5.93 -8.62
CA VAL A 44 -15.61 6.42 -9.12
C VAL A 44 -16.59 5.28 -9.38
N ARG A 45 -16.10 4.19 -9.95
CA ARG A 45 -16.92 3.01 -10.22
C ARG A 45 -17.47 2.38 -8.93
N ASN A 46 -16.68 2.47 -7.86
CA ASN A 46 -17.06 1.92 -6.55
C ASN A 46 -17.84 2.97 -5.75
N GLY A 47 -18.38 3.97 -6.46
CA GLY A 47 -19.19 5.01 -5.86
C GLY A 47 -18.42 6.04 -5.05
N GLY A 48 -17.09 6.04 -5.17
CA GLY A 48 -16.25 6.92 -4.35
C GLY A 48 -16.10 8.34 -4.90
N ARG A 49 -15.54 9.24 -4.08
CA ARG A 49 -15.24 10.61 -4.51
C ARG A 49 -14.00 10.63 -5.38
N ALA A 50 -14.10 11.24 -6.55
CA ALA A 50 -12.94 11.36 -7.43
C ALA A 50 -11.83 12.20 -6.80
N GLY A 51 -10.60 12.05 -7.28
CA GLY A 51 -9.47 12.83 -6.78
C GLY A 51 -8.18 12.04 -6.57
N ALA A 52 -8.31 10.73 -6.35
CA ALA A 52 -7.10 9.94 -6.03
C ALA A 52 -6.08 9.89 -7.15
N LYS A 53 -6.51 10.19 -8.38
CA LYS A 53 -5.56 10.28 -9.47
C LYS A 53 -4.49 11.36 -9.28
N LYS A 54 -4.74 12.31 -8.36
CA LYS A 54 -3.79 13.37 -8.05
C LYS A 54 -2.84 12.96 -6.91
N GLY A 55 -3.07 11.79 -6.34
CA GLY A 55 -2.23 11.26 -5.26
C GLY A 55 -0.73 11.24 -5.57
N PRO A 56 -0.35 10.65 -6.70
CA PRO A 56 1.08 10.55 -7.05
C PRO A 56 1.76 11.92 -7.15
N ALA A 57 1.08 12.90 -7.74
CA ALA A 57 1.62 14.24 -7.85
C ALA A 57 1.79 14.90 -6.47
N ALA A 58 0.80 14.74 -5.61
CA ALA A 58 0.86 15.33 -4.27
C ALA A 58 1.91 14.62 -3.43
N PHE A 59 1.99 13.30 -3.57
CA PHE A 59 3.01 12.51 -2.90
C PHE A 59 4.40 12.99 -3.34
N ARG A 60 4.57 13.21 -4.64
CA ARG A 60 5.87 13.67 -5.14
C ARG A 60 6.26 15.04 -4.62
N PHE A 61 5.29 15.94 -4.50
CA PHE A 61 5.56 17.28 -4.00
C PHE A 61 6.24 17.25 -2.63
N PHE A 62 5.71 16.43 -1.72
CA PHE A 62 6.29 16.36 -0.38
C PHE A 62 7.49 15.42 -0.28
N LEU A 63 7.58 14.50 -1.24
CA LEU A 63 8.73 13.62 -1.36
C LEU A 63 10.00 14.44 -1.56
N GLN A 64 9.86 15.59 -2.23
CA GLN A 64 11.00 16.46 -2.50
C GLN A 64 11.39 17.22 -1.25
N ARG A 65 10.58 17.13 -0.20
CA ARG A 65 10.70 18.08 0.91
C ARG A 65 10.91 17.47 2.31
N LEU A 66 10.50 16.23 2.49
CA LEU A 66 10.41 15.68 3.84
C LEU A 66 11.37 14.54 4.15
N GLY A 67 11.60 14.29 5.44
CA GLY A 67 12.19 13.06 5.92
C GLY A 67 13.70 13.00 6.07
N SER A 68 14.21 13.34 7.26
CA SER A 68 15.65 13.32 7.54
C SER A 68 16.26 11.93 7.31
N VAL A 69 17.25 11.81 6.43
CA VAL A 69 17.79 10.50 6.09
C VAL A 69 18.44 9.81 7.28
N ASN A 70 19.02 10.60 8.17
CA ASN A 70 19.56 10.07 9.40
C ASN A 70 18.71 10.54 10.56
N ASN A 71 17.92 9.62 11.10
CA ASN A 71 16.92 9.94 12.11
C ASN A 71 17.47 9.57 13.49
N LEU A 72 17.80 10.59 14.26
CA LEU A 72 18.46 10.38 15.54
C LEU A 72 17.50 9.97 16.66
N GLU A 73 16.20 10.09 16.42
CA GLU A 73 15.21 9.63 17.39
C GLU A 73 15.08 8.11 17.33
N LEU A 74 14.98 7.55 16.12
CA LEU A 74 14.92 6.10 15.96
C LEU A 74 16.33 5.51 15.88
N ASN A 75 17.33 6.37 15.70
CA ASN A 75 18.69 5.91 15.45
C ASN A 75 18.80 4.98 14.26
N VAL A 76 18.30 5.44 13.12
CA VAL A 76 18.44 4.71 11.88
C VAL A 76 18.97 5.68 10.82
N ASP A 77 20.06 5.31 10.16
CA ASP A 77 20.60 6.12 9.08
C ASP A 77 20.31 5.44 7.76
N ALA A 78 19.51 6.07 6.90
CA ALA A 78 19.15 5.47 5.63
C ALA A 78 20.02 5.97 4.49
N SER A 79 21.17 6.55 4.83
CA SER A 79 22.10 7.12 3.85
C SER A 79 22.49 6.16 2.72
N HIS A 80 22.64 4.89 3.05
CA HIS A 80 23.19 3.93 2.10
C HIS A 80 22.19 3.50 1.04
N LEU A 81 20.92 3.87 1.23
CA LEU A 81 19.89 3.37 0.33
C LEU A 81 19.82 4.22 -0.94
N LYS A 82 19.50 3.55 -2.04
CA LYS A 82 19.35 4.21 -3.33
C LYS A 82 17.90 4.08 -3.77
N LEU A 83 17.26 5.22 -3.97
CA LEU A 83 15.88 5.27 -4.44
C LEU A 83 15.84 5.76 -5.88
N TYR A 84 14.82 5.34 -6.62
CA TYR A 84 14.62 5.80 -7.98
C TYR A 84 13.14 5.98 -8.26
N ASP A 85 12.82 7.05 -8.98
CA ASP A 85 11.43 7.32 -9.32
C ASP A 85 11.23 6.98 -10.79
N ALA A 86 10.50 5.90 -11.04
CA ALA A 86 10.23 5.43 -12.40
C ALA A 86 9.07 6.17 -13.06
N GLY A 87 8.57 7.21 -12.41
CA GLY A 87 7.45 7.97 -12.94
C GLY A 87 6.11 7.24 -12.89
N ASP A 88 5.14 7.71 -13.67
CA ASP A 88 3.80 7.15 -13.71
C ASP A 88 3.61 6.10 -14.82
N ILE A 89 2.75 5.14 -14.54
CA ILE A 89 2.22 4.27 -15.59
C ILE A 89 1.28 5.13 -16.44
N THR A 90 1.49 5.12 -17.75
CA THR A 90 0.64 5.86 -18.67
C THR A 90 -0.04 4.92 -19.64
N ALA A 91 -1.35 5.09 -19.82
CA ALA A 91 -2.12 4.26 -20.74
C ALA A 91 -3.41 4.95 -21.15
N SER A 92 -4.04 4.43 -22.21
CA SER A 92 -5.28 4.99 -22.74
C SER A 92 -6.51 4.59 -21.92
N THR A 93 -6.44 3.44 -21.27
CA THR A 93 -7.56 2.96 -20.47
C THR A 93 -7.10 2.43 -19.12
N LEU A 94 -8.02 2.36 -18.17
CA LEU A 94 -7.70 1.84 -16.86
C LEU A 94 -7.17 0.41 -17.02
N GLU A 95 -7.89 -0.39 -17.80
CA GLU A 95 -7.52 -1.78 -18.02
C GLU A 95 -6.14 -1.96 -18.65
N GLU A 96 -5.75 -1.05 -19.54
CA GLU A 96 -4.39 -1.08 -20.08
C GLU A 96 -3.37 -0.62 -19.02
N ALA A 97 -3.75 0.38 -18.24
CA ALA A 97 -2.92 0.84 -17.14
C ALA A 97 -2.60 -0.31 -16.18
N HIS A 98 -3.60 -1.14 -15.87
CA HIS A 98 -3.39 -2.28 -14.97
C HIS A 98 -2.33 -3.22 -15.52
N GLU A 99 -2.40 -3.52 -16.82
CA GLU A 99 -1.47 -4.47 -17.41
C GLU A 99 -0.05 -3.95 -17.34
N LYS A 100 0.12 -2.68 -17.71
CA LYS A 100 1.45 -2.08 -17.68
C LYS A 100 1.99 -2.03 -16.25
N LEU A 101 1.10 -1.83 -15.29
CA LEU A 101 1.52 -1.74 -13.89
C LEU A 101 2.01 -3.09 -13.42
N GLU A 102 1.19 -4.12 -13.64
CA GLU A 102 1.58 -5.48 -13.32
C GLU A 102 2.92 -5.85 -13.95
N SER A 103 3.09 -5.52 -15.23
CA SER A 103 4.32 -5.86 -15.95
C SER A 103 5.53 -5.16 -15.32
N LYS A 104 5.37 -3.86 -15.06
CA LYS A 104 6.40 -3.05 -14.42
C LYS A 104 6.79 -3.55 -13.04
N VAL A 105 5.80 -3.79 -12.18
CA VAL A 105 6.07 -4.27 -10.82
C VAL A 105 6.79 -5.62 -10.85
N PHE A 106 6.35 -6.50 -11.74
CA PHE A 106 7.01 -7.79 -11.88
C PHE A 106 8.51 -7.65 -12.18
N THR A 107 8.86 -6.82 -13.16
CA THR A 107 10.27 -6.70 -13.54
C THR A 107 11.14 -6.19 -12.41
N VAL A 108 10.62 -5.24 -11.63
CA VAL A 108 11.33 -4.75 -10.47
C VAL A 108 11.53 -5.89 -9.48
N LEU A 109 10.48 -6.71 -9.33
CA LEU A 109 10.52 -7.81 -8.38
C LEU A 109 11.54 -8.83 -8.88
N ALA A 110 11.44 -9.17 -10.16
CA ALA A 110 12.23 -10.24 -10.74
C ALA A 110 13.74 -10.06 -10.55
N ARG A 111 14.19 -8.82 -10.48
CA ARG A 111 15.62 -8.58 -10.29
C ARG A 111 15.93 -8.25 -8.84
N GLY A 112 15.01 -8.60 -7.95
CA GLY A 112 15.26 -8.52 -6.52
C GLY A 112 15.16 -7.14 -5.89
N ALA A 113 14.69 -6.15 -6.64
CA ALA A 113 14.48 -4.82 -6.08
C ALA A 113 13.07 -4.68 -5.48
N PHE A 114 12.84 -3.59 -4.74
CA PHE A 114 11.58 -3.38 -4.02
C PHE A 114 10.72 -2.30 -4.69
N PRO A 115 9.55 -2.69 -5.22
CA PRO A 115 8.69 -1.69 -5.84
C PRO A 115 7.75 -1.11 -4.79
N PHE A 116 7.61 0.21 -4.79
CA PHE A 116 6.60 0.89 -3.98
C PHE A 116 5.73 1.68 -4.94
N VAL A 117 4.44 1.37 -4.94
CA VAL A 117 3.52 1.99 -5.88
C VAL A 117 2.57 2.95 -5.18
N ILE A 118 2.63 4.21 -5.55
CA ILE A 118 1.72 5.21 -5.00
C ILE A 118 0.54 5.46 -5.95
N GLY A 119 -0.68 5.22 -5.47
CA GLY A 119 -1.86 5.54 -6.25
C GLY A 119 -2.47 6.87 -5.83
N GLY A 120 -3.66 7.19 -6.31
CA GLY A 120 -4.43 6.30 -7.17
C GLY A 120 -5.35 5.41 -6.35
N GLY A 121 -6.37 4.86 -7.00
CA GLY A 121 -7.35 4.00 -6.38
C GLY A 121 -6.81 2.63 -6.01
N HIS A 122 -7.47 1.96 -5.07
CA HIS A 122 -7.00 0.68 -4.56
C HIS A 122 -7.10 -0.46 -5.57
N ASP A 123 -7.80 -0.23 -6.68
CA ASP A 123 -7.84 -1.23 -7.74
C ASP A 123 -6.44 -1.66 -8.22
N GLN A 124 -5.45 -0.81 -8.02
CA GLN A 124 -4.06 -1.11 -8.36
C GLN A 124 -3.55 -2.39 -7.70
N SER A 125 -4.17 -2.78 -6.59
CA SER A 125 -3.68 -3.93 -5.84
C SER A 125 -3.90 -5.26 -6.55
N ALA A 126 -4.84 -5.30 -7.48
CA ALA A 126 -5.05 -6.51 -8.29
C ALA A 126 -3.84 -6.83 -9.17
N PRO A 127 -3.42 -5.87 -10.04
CA PRO A 127 -2.21 -6.08 -10.85
C PRO A 127 -0.95 -6.26 -10.00
N ASN A 128 -0.83 -5.46 -8.94
CA ASN A 128 0.33 -5.60 -8.08
C ASN A 128 0.40 -7.02 -7.50
N GLY A 129 -0.72 -7.52 -7.02
CA GLY A 129 -0.79 -8.88 -6.51
C GLY A 129 -0.45 -9.91 -7.57
N ARG A 130 -0.96 -9.71 -8.79
CA ARG A 130 -0.66 -10.64 -9.87
C ARG A 130 0.85 -10.68 -10.13
N ALA A 131 1.50 -9.53 -10.08
CA ALA A 131 2.95 -9.47 -10.28
C ALA A 131 3.66 -10.27 -9.19
N MET A 132 3.15 -10.19 -7.96
CA MET A 132 3.64 -11.03 -6.87
C MET A 132 3.43 -12.52 -7.13
N LEU A 133 2.24 -12.91 -7.54
CA LEU A 133 1.94 -14.33 -7.71
C LEU A 133 2.82 -14.95 -8.80
N ARG A 134 3.29 -14.12 -9.74
CA ARG A 134 4.14 -14.59 -10.82
C ARG A 134 5.60 -14.65 -10.40
N ALA A 135 6.04 -13.66 -9.61
CA ALA A 135 7.41 -13.61 -9.13
C ALA A 135 7.72 -14.68 -8.08
N PHE A 136 6.69 -15.11 -7.35
CA PHE A 136 6.86 -16.06 -6.24
C PHE A 136 5.76 -17.12 -6.31
N PRO A 137 5.78 -17.96 -7.36
CA PRO A 137 4.69 -18.91 -7.64
C PRO A 137 4.31 -19.79 -6.44
N GLY A 138 3.01 -19.76 -6.11
CA GLY A 138 2.46 -20.56 -5.04
C GLY A 138 2.94 -20.22 -3.63
N ASP A 139 3.73 -19.16 -3.48
CA ASP A 139 4.32 -18.85 -2.19
C ASP A 139 4.19 -17.37 -1.78
N VAL A 140 3.03 -16.77 -2.05
CA VAL A 140 2.78 -15.37 -1.72
C VAL A 140 1.86 -15.19 -0.54
N GLY A 141 2.15 -14.18 0.30
CA GLY A 141 1.20 -13.75 1.31
C GLY A 141 0.79 -12.31 1.03
N VAL A 142 -0.38 -11.93 1.52
CA VAL A 142 -0.89 -10.57 1.28
C VAL A 142 -1.62 -10.05 2.50
N ILE A 143 -1.32 -8.81 2.89
CA ILE A 143 -2.10 -8.14 3.91
C ILE A 143 -2.73 -6.88 3.32
N ASN A 144 -4.02 -6.70 3.57
CA ASN A 144 -4.71 -5.50 3.16
C ASN A 144 -5.01 -4.65 4.39
N VAL A 145 -4.28 -3.54 4.54
CA VAL A 145 -4.55 -2.62 5.65
C VAL A 145 -5.59 -1.64 5.13
N ASP A 146 -6.80 -1.78 5.65
CA ASP A 146 -7.95 -1.12 5.06
C ASP A 146 -9.11 -1.13 6.04
N SER A 147 -9.84 -0.03 6.15
CA SER A 147 -11.10 -0.07 6.92
C SER A 147 -12.14 -0.98 6.24
N HIS A 148 -11.98 -1.19 4.93
CA HIS A 148 -12.92 -1.98 4.13
C HIS A 148 -12.31 -3.32 3.67
N LEU A 149 -13.14 -4.31 3.33
CA LEU A 149 -12.60 -5.62 2.93
C LEU A 149 -12.19 -5.68 1.45
N ASP A 150 -12.89 -4.92 0.63
CA ASP A 150 -12.54 -4.80 -0.78
C ASP A 150 -12.60 -6.14 -1.51
N VAL A 151 -13.65 -6.90 -1.23
CA VAL A 151 -13.92 -8.15 -1.94
C VAL A 151 -15.28 -8.04 -2.60
N ARG A 152 -15.69 -6.80 -2.86
CA ARG A 152 -16.94 -6.52 -3.55
C ARG A 152 -16.95 -7.20 -4.92
N PRO A 153 -18.14 -7.65 -5.34
CA PRO A 153 -18.30 -8.13 -6.72
C PRO A 153 -18.03 -7.01 -7.74
N PRO A 154 -17.63 -7.37 -8.97
CA PRO A 154 -17.41 -6.42 -10.06
C PRO A 154 -18.71 -5.72 -10.43
N LEU A 155 -18.65 -4.73 -11.32
CA LEU A 155 -19.88 -4.11 -11.81
C LEU A 155 -20.70 -5.14 -12.59
N SER A 156 -21.99 -4.89 -12.73
CA SER A 156 -22.90 -5.83 -13.38
C SER A 156 -22.39 -6.30 -14.75
N ASP A 157 -21.71 -5.42 -15.47
CA ASP A 157 -21.16 -5.77 -16.78
C ASP A 157 -19.68 -6.15 -16.73
N GLY A 158 -19.20 -6.52 -15.54
CA GLY A 158 -17.88 -7.10 -15.39
C GLY A 158 -16.73 -6.17 -15.03
N ARG A 159 -16.99 -4.87 -15.01
CA ARG A 159 -15.93 -3.89 -14.75
C ARG A 159 -15.41 -3.94 -13.31
N VAL A 160 -14.09 -3.83 -13.16
CA VAL A 160 -13.46 -3.84 -11.84
C VAL A 160 -13.53 -2.46 -11.19
N HIS A 161 -13.14 -2.35 -9.93
CA HIS A 161 -13.12 -1.06 -9.24
C HIS A 161 -12.35 -1.10 -7.93
N SER A 162 -12.30 0.04 -7.24
CA SER A 162 -11.52 0.19 -6.01
C SER A 162 -11.97 -0.77 -4.89
N GLY A 163 -13.06 -1.50 -5.11
CA GLY A 163 -13.57 -2.40 -4.10
C GLY A 163 -13.48 -3.88 -4.44
N THR A 164 -12.88 -4.21 -5.59
CA THR A 164 -12.76 -5.61 -6.01
C THR A 164 -11.38 -6.27 -5.93
N PRO A 165 -10.32 -5.51 -5.62
CA PRO A 165 -8.98 -6.06 -5.88
C PRO A 165 -8.68 -7.39 -5.17
N PHE A 166 -9.24 -7.58 -3.99
CA PHE A 166 -8.91 -8.80 -3.23
C PHE A 166 -9.89 -9.93 -3.48
N ARG A 167 -10.97 -9.63 -4.20
CA ARG A 167 -11.83 -10.69 -4.71
C ARG A 167 -11.08 -11.37 -5.85
N GLN A 168 -10.42 -10.58 -6.69
CA GLN A 168 -9.72 -11.17 -7.83
C GLN A 168 -8.38 -11.81 -7.46
N LEU A 169 -7.80 -11.43 -6.32
CA LEU A 169 -6.61 -12.11 -5.84
C LEU A 169 -6.96 -13.43 -5.10
N LEU A 170 -8.07 -13.44 -4.37
CA LEU A 170 -8.53 -14.66 -3.70
C LEU A 170 -9.03 -15.68 -4.71
N GLU A 171 -9.40 -15.19 -5.89
CA GLU A 171 -9.85 -16.09 -6.96
C GLU A 171 -8.67 -16.71 -7.72
N GLU A 172 -7.46 -16.35 -7.34
CA GLU A 172 -6.26 -16.87 -8.00
C GLU A 172 -5.93 -18.25 -7.51
N SER A 173 -5.89 -19.23 -8.42
CA SER A 173 -5.64 -20.61 -8.03
C SER A 173 -4.29 -20.81 -7.33
N SER A 174 -3.32 -19.96 -7.61
CA SER A 174 -2.00 -20.14 -7.04
C SER A 174 -1.87 -19.49 -5.65
N PHE A 175 -2.94 -18.80 -5.22
CA PHE A 175 -2.89 -18.08 -3.96
C PHE A 175 -3.61 -18.80 -2.81
N SER A 176 -2.91 -18.97 -1.69
CA SER A 176 -3.52 -19.57 -0.52
C SER A 176 -4.18 -18.52 0.38
N GLY A 177 -5.49 -18.65 0.57
CA GLY A 177 -6.23 -17.71 1.38
C GLY A 177 -5.84 -17.70 2.84
N LYS A 178 -5.23 -18.78 3.32
CA LYS A 178 -4.75 -18.86 4.70
C LYS A 178 -3.67 -17.81 4.92
N ARG A 179 -3.16 -17.27 3.82
CA ARG A 179 -2.09 -16.27 3.89
C ARG A 179 -2.53 -14.87 3.50
N PHE A 180 -3.83 -14.61 3.65
CA PHE A 180 -4.41 -13.30 3.40
C PHE A 180 -4.98 -12.74 4.70
N VAL A 181 -4.59 -11.52 5.02
CA VAL A 181 -5.08 -10.87 6.24
C VAL A 181 -5.71 -9.54 5.88
N GLU A 182 -6.93 -9.33 6.36
CA GLU A 182 -7.60 -8.05 6.28
C GLU A 182 -7.32 -7.36 7.61
N PHE A 183 -6.52 -6.31 7.57
CA PHE A 183 -6.02 -5.67 8.79
C PHE A 183 -6.66 -4.31 9.06
N ALA A 184 -7.19 -4.13 10.27
CA ALA A 184 -7.81 -2.89 10.73
C ALA A 184 -9.13 -2.60 10.03
N CYS A 185 -9.81 -3.66 9.63
CA CYS A 185 -11.11 -3.54 9.00
C CYS A 185 -12.11 -3.13 10.06
N GLN A 186 -13.20 -2.48 9.63
CA GLN A 186 -14.17 -1.95 10.57
C GLN A 186 -15.55 -2.55 10.39
N GLY A 187 -16.07 -3.17 11.45
CA GLY A 187 -17.35 -3.85 11.41
C GLY A 187 -18.51 -2.98 10.98
N SER A 188 -18.45 -1.68 11.25
CA SER A 188 -19.50 -0.76 10.85
C SER A 188 -19.53 -0.53 9.34
N GLN A 189 -18.47 -0.96 8.66
CA GLN A 189 -18.28 -0.67 7.24
C GLN A 189 -18.09 -1.94 6.42
N CYS A 190 -18.14 -3.09 7.07
CA CYS A 190 -17.90 -4.36 6.38
C CYS A 190 -19.12 -5.30 6.48
N GLY A 191 -19.67 -5.69 5.33
CA GLY A 191 -20.85 -6.53 5.31
C GLY A 191 -20.57 -7.98 5.67
N ALA A 192 -21.56 -8.64 6.29
CA ALA A 192 -21.41 -10.02 6.69
C ALA A 192 -21.12 -10.96 5.51
N LEU A 193 -21.69 -10.70 4.34
CA LEU A 193 -21.42 -11.51 3.16
C LEU A 193 -19.96 -11.42 2.72
N HIS A 194 -19.37 -10.23 2.86
CA HIS A 194 -17.97 -10.07 2.47
C HIS A 194 -17.03 -10.70 3.51
N ALA A 195 -17.36 -10.55 4.78
CA ALA A 195 -16.59 -11.24 5.81
C ALA A 195 -16.67 -12.75 5.59
N GLN A 196 -17.88 -13.24 5.34
CA GLN A 196 -18.10 -14.66 5.03
C GLN A 196 -17.23 -15.14 3.88
N TYR A 197 -17.18 -14.39 2.79
CA TYR A 197 -16.35 -14.75 1.67
C TYR A 197 -14.87 -14.88 2.04
N VAL A 198 -14.37 -13.93 2.81
CA VAL A 198 -12.98 -13.98 3.25
C VAL A 198 -12.73 -15.21 4.12
N ARG A 199 -13.56 -15.40 5.13
CA ARG A 199 -13.36 -16.52 6.06
C ARG A 199 -13.53 -17.87 5.34
N ASP A 200 -14.48 -17.93 4.40
CA ASP A 200 -14.69 -19.18 3.66
C ASP A 200 -13.47 -19.53 2.82
N HIS A 201 -12.68 -18.52 2.48
CA HIS A 201 -11.44 -18.72 1.76
C HIS A 201 -10.25 -18.88 2.71
N GLN A 202 -10.56 -19.00 3.99
CA GLN A 202 -9.56 -19.23 5.04
C GLN A 202 -8.76 -17.98 5.37
N GLY A 203 -9.19 -16.84 4.83
CA GLY A 203 -8.59 -15.56 5.15
C GLY A 203 -8.84 -15.12 6.58
N HIS A 204 -8.06 -14.14 7.03
CA HIS A 204 -8.08 -13.70 8.42
C HIS A 204 -8.56 -12.26 8.56
N LEU A 205 -9.54 -12.04 9.43
CA LEU A 205 -10.06 -10.71 9.70
C LEU A 205 -9.50 -10.18 11.00
N MET A 206 -8.65 -9.17 10.94
CA MET A 206 -8.15 -8.54 12.15
C MET A 206 -8.79 -7.17 12.33
N TRP A 207 -9.93 -7.14 13.03
CA TRP A 207 -10.72 -5.94 13.20
C TRP A 207 -9.95 -4.83 13.91
N LEU A 208 -10.32 -3.58 13.63
CA LEU A 208 -9.65 -2.43 14.23
C LEU A 208 -9.58 -2.57 15.75
N SER A 209 -10.68 -2.98 16.38
CA SER A 209 -10.72 -3.10 17.84
C SER A 209 -9.67 -4.09 18.37
N GLU A 210 -9.43 -5.15 17.63
CA GLU A 210 -8.42 -6.16 17.97
C GLU A 210 -6.99 -5.63 17.79
N VAL A 211 -6.77 -4.91 16.70
CA VAL A 211 -5.49 -4.24 16.49
C VAL A 211 -5.21 -3.25 17.63
N ARG A 212 -6.22 -2.49 18.02
CA ARG A 212 -6.02 -1.49 19.07
C ARG A 212 -5.77 -2.15 20.41
N LYS A 213 -6.45 -3.26 20.66
CA LYS A 213 -6.27 -3.98 21.92
C LYS A 213 -4.85 -4.53 22.04
N LYS A 214 -4.33 -5.10 20.96
CA LYS A 214 -3.00 -5.70 20.96
C LYS A 214 -1.89 -4.68 20.85
N GLY A 215 -2.19 -3.52 20.27
CA GLY A 215 -1.18 -2.59 19.81
C GLY A 215 -0.96 -2.84 18.32
N ALA A 216 -0.79 -1.79 17.53
CA ALA A 216 -0.79 -1.92 16.08
C ALA A 216 0.42 -2.71 15.55
N VAL A 217 1.60 -2.39 16.07
CA VAL A 217 2.80 -3.12 15.69
C VAL A 217 2.77 -4.60 16.08
N ALA A 218 2.37 -4.89 17.32
CA ALA A 218 2.24 -6.28 17.74
C ALA A 218 1.24 -7.03 16.86
N ALA A 219 0.14 -6.38 16.54
CA ALA A 219 -0.88 -7.00 15.73
C ALA A 219 -0.34 -7.25 14.32
N LEU A 220 0.46 -6.30 13.82
CA LEU A 220 1.00 -6.42 12.48
C LEU A 220 2.05 -7.54 12.45
N GLU A 221 2.79 -7.68 13.53
CA GLU A 221 3.72 -8.80 13.64
C GLU A 221 2.95 -10.12 13.53
N ASP A 222 1.85 -10.22 14.24
CA ASP A 222 0.99 -11.40 14.15
C ASP A 222 0.50 -11.64 12.71
N ALA A 223 0.11 -10.55 12.05
CA ALA A 223 -0.39 -10.65 10.68
C ALA A 223 0.71 -11.19 9.76
N PHE A 224 1.91 -10.65 9.89
CA PHE A 224 3.05 -11.07 9.08
C PHE A 224 3.40 -12.54 9.35
N GLY A 225 3.09 -13.01 10.55
CA GLY A 225 3.31 -14.40 10.89
C GLY A 225 2.41 -15.27 10.05
N LEU A 226 1.22 -14.77 9.79
CA LEU A 226 0.24 -15.49 8.98
C LEU A 226 0.53 -15.36 7.49
N THR A 227 0.99 -14.18 7.05
CA THR A 227 1.25 -13.99 5.63
C THR A 227 2.52 -14.75 5.18
N GLY A 228 3.49 -14.84 6.08
CA GLY A 228 4.71 -15.60 5.78
C GLY A 228 5.62 -14.96 4.75
N LYS A 229 6.29 -15.82 3.97
CA LYS A 229 7.23 -15.36 2.96
C LYS A 229 6.54 -14.55 1.86
N ASN A 230 7.34 -13.71 1.21
CA ASN A 230 6.91 -13.04 -0.01
C ASN A 230 5.58 -12.33 0.21
N THR A 231 5.61 -11.44 1.20
CA THR A 231 4.43 -10.66 1.56
C THR A 231 4.31 -9.36 0.77
N PHE A 232 3.09 -9.13 0.27
CA PHE A 232 2.67 -7.88 -0.34
C PHE A 232 1.96 -7.06 0.74
N PHE A 233 2.55 -5.91 1.07
CA PHE A 233 2.02 -5.00 2.11
C PHE A 233 1.21 -3.93 1.42
N SER A 234 -0.11 -4.07 1.47
CA SER A 234 -1.03 -3.19 0.74
C SER A 234 -1.74 -2.27 1.70
N PHE A 235 -1.51 -0.97 1.56
CA PHE A 235 -2.00 -0.01 2.54
C PHE A 235 -3.01 0.94 1.90
N ASP A 236 -4.25 0.87 2.38
CA ASP A 236 -5.28 1.83 1.98
C ASP A 236 -5.32 2.88 3.07
N VAL A 237 -4.98 4.13 2.73
CA VAL A 237 -4.83 5.16 3.75
C VAL A 237 -6.16 5.57 4.41
N ASP A 238 -7.28 5.09 3.86
CA ASP A 238 -8.56 5.30 4.54
C ASP A 238 -8.76 4.36 5.75
N SER A 239 -7.71 3.61 6.10
CA SER A 239 -7.68 2.86 7.36
C SER A 239 -7.29 3.78 8.50
N LEU A 240 -6.69 4.94 8.18
CA LEU A 240 -6.38 5.95 9.20
C LEU A 240 -7.59 6.84 9.53
N LYS A 241 -7.73 7.18 10.82
CA LYS A 241 -8.80 8.10 11.24
C LYS A 241 -8.70 9.41 10.49
N SER A 242 -9.84 9.98 10.08
CA SER A 242 -9.81 11.19 9.27
C SER A 242 -9.34 12.44 10.03
N SER A 243 -9.23 12.36 11.35
CA SER A 243 -8.62 13.46 12.10
C SER A 243 -7.16 13.67 11.68
N ASP A 244 -6.47 12.57 11.43
CA ASP A 244 -5.08 12.58 10.94
C ASP A 244 -4.98 12.57 9.42
N MET A 245 -5.94 11.93 8.76
CA MET A 245 -5.86 11.60 7.33
C MET A 245 -7.19 11.90 6.64
N PRO A 246 -7.49 13.17 6.44
CA PRO A 246 -8.82 13.51 5.91
C PRO A 246 -8.88 13.36 4.40
N GLY A 247 -7.72 13.43 3.74
CA GLY A 247 -7.68 13.50 2.28
C GLY A 247 -7.74 12.14 1.61
N VAL A 248 -8.89 11.48 1.75
CA VAL A 248 -9.19 10.22 1.07
C VAL A 248 -10.62 10.22 0.56
N SER A 249 -10.92 9.30 -0.36
CA SER A 249 -12.27 9.22 -0.90
C SER A 249 -13.31 8.85 0.16
N CYS A 250 -12.97 7.92 1.05
CA CYS A 250 -13.89 7.47 2.09
CA CYS A 250 -13.90 7.46 2.09
C CYS A 250 -13.28 7.72 3.47
N PRO A 251 -13.39 8.96 3.97
CA PRO A 251 -12.78 9.33 5.25
C PRO A 251 -13.32 8.52 6.42
N ALA A 252 -12.41 8.06 7.27
CA ALA A 252 -12.80 7.18 8.36
C ALA A 252 -13.10 8.02 9.61
N ALA A 253 -14.14 7.68 10.36
CA ALA A 253 -14.43 8.37 11.62
C ALA A 253 -13.44 7.95 12.68
N VAL A 254 -13.30 6.64 12.83
CA VAL A 254 -12.30 6.03 13.68
C VAL A 254 -11.32 5.28 12.77
N GLY A 255 -10.19 4.88 13.32
CA GLY A 255 -9.19 4.20 12.51
C GLY A 255 -7.80 4.35 13.08
N LEU A 256 -6.80 3.96 12.29
CA LEU A 256 -5.43 4.01 12.76
C LEU A 256 -4.95 5.44 12.94
N SER A 257 -4.14 5.71 13.95
CA SER A 257 -3.54 7.04 14.05
C SER A 257 -2.35 7.19 13.10
N ALA A 258 -1.92 8.42 12.86
CA ALA A 258 -0.73 8.61 12.04
C ALA A 258 0.45 7.87 12.64
N GLN A 259 0.63 8.00 13.95
CA GLN A 259 1.74 7.30 14.61
C GLN A 259 1.68 5.78 14.41
N GLU A 260 0.49 5.19 14.56
CA GLU A 260 0.37 3.76 14.35
C GLU A 260 0.78 3.41 12.93
N ALA A 261 0.33 4.22 11.97
CA ALA A 261 0.68 4.00 10.56
C ALA A 261 2.22 4.08 10.31
N PHE A 262 2.86 5.11 10.85
CA PHE A 262 4.31 5.26 10.79
C PHE A 262 5.01 4.03 11.37
N ASP A 263 4.57 3.61 12.55
CA ASP A 263 5.16 2.47 13.26
C ASP A 263 4.99 1.20 12.46
N MET A 264 3.83 1.05 11.82
CA MET A 264 3.53 -0.13 11.01
C MET A 264 4.40 -0.17 9.76
N CYS A 265 4.55 0.99 9.13
CA CYS A 265 5.37 1.06 7.93
C CYS A 265 6.84 0.77 8.27
N PHE A 266 7.28 1.25 9.42
CA PHE A 266 8.66 0.97 9.85
C PHE A 266 8.87 -0.53 10.03
N LEU A 267 7.91 -1.20 10.66
CA LEU A 267 7.98 -2.65 10.84
C LEU A 267 8.03 -3.37 9.48
N ALA A 268 7.13 -2.98 8.58
CA ALA A 268 7.12 -3.55 7.24
C ALA A 268 8.47 -3.40 6.55
N GLY A 269 9.05 -2.21 6.71
CA GLY A 269 10.37 -1.92 6.16
C GLY A 269 11.45 -2.86 6.63
N LYS A 270 11.46 -3.13 7.94
CA LYS A 270 12.48 -4.00 8.54
C LYS A 270 12.21 -5.50 8.37
N THR A 271 10.98 -5.86 8.01
CA THR A 271 10.60 -7.27 7.87
C THR A 271 11.02 -7.82 6.50
N PRO A 272 12.03 -8.70 6.48
CA PRO A 272 12.65 -9.12 5.22
C PRO A 272 11.71 -9.83 4.26
N THR A 273 10.63 -10.42 4.78
CA THR A 273 9.66 -11.14 3.93
C THR A 273 8.70 -10.19 3.18
N VAL A 274 8.75 -8.90 3.48
CA VAL A 274 7.89 -7.94 2.80
C VAL A 274 8.56 -7.52 1.49
N MET A 275 7.98 -7.90 0.36
CA MET A 275 8.67 -7.79 -0.92
C MET A 275 8.18 -6.64 -1.78
N MET A 276 7.02 -6.10 -1.45
CA MET A 276 6.57 -4.89 -2.13
C MET A 276 5.51 -4.22 -1.29
N MET A 277 5.28 -2.94 -1.58
CA MET A 277 4.22 -2.20 -0.91
C MET A 277 3.48 -1.31 -1.88
N ASP A 278 2.16 -1.20 -1.71
CA ASP A 278 1.43 -0.12 -2.37
C ASP A 278 0.65 0.73 -1.36
N MET A 279 0.28 1.91 -1.81
CA MET A 279 -0.44 2.84 -0.97
C MET A 279 -1.53 3.47 -1.81
N SER A 280 -2.78 3.29 -1.41
CA SER A 280 -3.91 3.68 -2.25
C SER A 280 -4.87 4.65 -1.52
N GLU A 281 -5.63 5.37 -2.33
CA GLU A 281 -6.78 6.18 -1.89
C GLU A 281 -6.46 7.60 -1.43
N LEU A 282 -5.19 7.99 -1.51
CA LEU A 282 -4.80 9.37 -1.22
C LEU A 282 -5.53 10.28 -2.20
N ASN A 283 -6.26 11.27 -1.67
CA ASN A 283 -7.13 12.11 -2.47
C ASN A 283 -6.93 13.59 -2.15
N PRO A 284 -6.01 14.26 -2.85
CA PRO A 284 -5.68 15.67 -2.63
C PRO A 284 -6.84 16.61 -2.89
N LEU A 285 -7.83 16.17 -3.66
CA LEU A 285 -9.02 17.00 -3.91
C LEU A 285 -9.85 17.14 -2.64
N VAL A 286 -9.82 16.12 -1.79
CA VAL A 286 -10.55 16.16 -0.53
C VAL A 286 -9.78 17.00 0.51
N GLU A 287 -8.48 16.73 0.67
CA GLU A 287 -7.62 17.59 1.48
C GLU A 287 -6.18 17.50 0.94
N GLU A 288 -5.53 18.62 0.67
CA GLU A 288 -4.32 18.59 -0.17
C GLU A 288 -2.97 18.74 0.50
N TYR A 289 -2.94 19.01 1.80
CA TYR A 289 -1.69 19.39 2.44
C TYR A 289 -1.29 18.44 3.56
N ARG A 290 -2.17 18.30 4.53
CA ARG A 290 -1.88 17.44 5.68
C ARG A 290 -1.76 15.98 5.26
N SER A 291 -2.66 15.55 4.38
CA SER A 291 -2.77 14.15 4.05
C SER A 291 -1.60 13.64 3.21
N PRO A 292 -1.20 14.40 2.17
CA PRO A 292 -0.06 13.89 1.42
C PRO A 292 1.21 13.85 2.27
N ARG A 293 1.31 14.77 3.22
CA ARG A 293 2.44 14.75 4.15
C ARG A 293 2.47 13.45 4.97
N VAL A 294 1.31 13.06 5.49
CA VAL A 294 1.20 11.77 6.19
C VAL A 294 1.61 10.62 5.28
N ALA A 295 1.14 10.62 4.03
CA ALA A 295 1.51 9.57 3.09
C ALA A 295 3.01 9.51 2.88
N VAL A 296 3.64 10.66 2.67
CA VAL A 296 5.10 10.68 2.48
C VAL A 296 5.82 10.23 3.76
N TYR A 297 5.35 10.67 4.93
CA TYR A 297 5.94 10.19 6.20
C TYR A 297 5.79 8.67 6.40
N MET A 298 4.68 8.11 5.92
CA MET A 298 4.52 6.66 5.96
C MET A 298 5.59 5.98 5.11
N PHE A 299 5.76 6.42 3.88
CA PHE A 299 6.82 5.89 3.02
C PHE A 299 8.19 6.09 3.67
N TYR A 300 8.39 7.26 4.25
CA TYR A 300 9.63 7.58 4.95
C TYR A 300 9.96 6.55 6.04
N HIS A 301 8.98 6.24 6.88
CA HIS A 301 9.19 5.21 7.90
C HIS A 301 9.45 3.83 7.28
N PHE A 302 8.79 3.51 6.17
CA PHE A 302 9.14 2.26 5.49
C PHE A 302 10.61 2.24 5.08
N VAL A 303 11.05 3.34 4.48
CA VAL A 303 12.44 3.50 4.04
C VAL A 303 13.41 3.29 5.19
N LEU A 304 13.15 3.93 6.33
CA LEU A 304 13.99 3.75 7.52
C LEU A 304 14.04 2.28 7.95
N GLY A 305 12.89 1.60 7.99
CA GLY A 305 12.87 0.20 8.37
C GLY A 305 13.69 -0.63 7.39
N PHE A 306 13.50 -0.35 6.10
CA PHE A 306 14.20 -1.08 5.04
C PHE A 306 15.71 -0.92 5.21
N ALA A 307 16.13 0.25 5.65
CA ALA A 307 17.55 0.56 5.87
C ALA A 307 18.21 -0.38 6.89
N THR A 308 17.40 -1.06 7.69
CA THR A 308 17.91 -1.95 8.72
C THR A 308 17.91 -3.42 8.27
N ARG A 309 17.37 -3.70 7.08
CA ARG A 309 17.40 -5.06 6.54
C ARG A 309 18.82 -5.53 6.28
N PRO A 310 19.13 -6.76 6.71
CA PRO A 310 20.44 -7.37 6.51
C PRO A 310 20.77 -7.53 5.03
MN MN B . -9.34 -0.24 -0.18
MN MN C . -10.70 1.43 2.15
#